data_9J8B
#
_entry.id   9J8B
#
_cell.length_a   1.00
_cell.length_b   1.00
_cell.length_c   1.00
_cell.angle_alpha   90.00
_cell.angle_beta   90.00
_cell.angle_gamma   90.00
#
_symmetry.space_group_name_H-M   'P 1'
#
_entity_poly.entity_id   1
_entity_poly.type   'polypeptide(L)'
_entity_poly.pdbx_seq_one_letter_code
;MSGGDTRAAIARPRMAAAHGPVAPSSPEQNGAVPSEATKRDQNLKRGNWGNQIEFVLTSVGYAVGLGNVWRFPYLCYRNG
GGAFMFPYFIMLIFCGIPLFFMELSFGQFASQGCLGVWRISPMFKGVGYGMMVVSTYIGIYYNVVICIAFYYFFSSMTHV
LPWAYCNNPWNTHDCAGVLDASNLTNGSRPAALPSNLSHLLNHSLQRTSPSEEYWRLYVLKLSDDIGNFGEVRLPLLGCL
GVSWLVVFLCLIRGVKSSGKVVYFTATFPYVVLTILFVRGVTLEGAFDGIMYYLTPQWDKILEAKVWGDAASQIFYSLGC
AWGGLITMASYNKFHNNCYRDSVIISITNCATSVYAGFVIFSILGFMANHLGVDVSRVADHGPGLAFVAYPEALTLLPIS
PLWSLLFFFMLILLGLGTQFCLLETLVTAIVDEVGNEWILQKKTYVTLGVAVAGFLLGIPLTSQAGIYWLLLMDNYAASF
SLVVISCIMCVAIMYIYGHRNYFQDIQMMLGFPPPLFFQICWRFVSPAIIFFILVFTVIQYQPITYNHYQYPGWAVAIGF
LMALSSVLCIPLYAMFRLCRTDGDTLLQRLKNATKPSRDWGPALLEHRTGRYAPTIAPSPEDGFEVQPLHPDKAQIPIVG
SNGSSRLQDSRI
;
_entity_poly.pdbx_strand_id   A
#
# COMPACT_ATOMS: atom_id res chain seq x y z
N THR A 58 9.29 -11.44 -20.77
CA THR A 58 10.61 -10.83 -20.88
C THR A 58 11.52 -11.30 -19.75
N SER A 59 11.29 -10.77 -18.55
CA SER A 59 12.08 -11.12 -17.38
C SER A 59 11.19 -11.00 -16.16
N VAL A 60 11.81 -10.98 -14.98
CA VAL A 60 11.07 -10.84 -13.74
C VAL A 60 10.47 -9.43 -13.67
N GLY A 61 9.23 -9.34 -13.18
CA GLY A 61 8.54 -8.07 -13.11
C GLY A 61 8.71 -7.37 -11.78
N TYR A 62 9.72 -7.78 -11.01
CA TYR A 62 9.99 -7.22 -9.69
C TYR A 62 8.74 -7.24 -8.82
N ALA A 63 8.32 -6.06 -8.37
CA ALA A 63 7.10 -5.89 -7.55
C ALA A 63 7.22 -6.79 -6.34
N VAL A 64 6.14 -7.46 -5.94
CA VAL A 64 6.14 -8.41 -4.81
C VAL A 64 6.60 -7.64 -3.58
N GLY A 65 5.93 -6.53 -3.28
CA GLY A 65 6.27 -5.74 -2.12
C GLY A 65 5.52 -6.17 -0.88
N LEU A 66 5.63 -5.34 0.17
CA LEU A 66 4.91 -5.60 1.41
C LEU A 66 3.41 -5.49 1.23
N GLY A 67 2.95 -4.87 0.14
CA GLY A 67 1.54 -4.77 -0.14
C GLY A 67 1.02 -6.00 -0.86
N ASN A 68 1.85 -7.05 -0.91
CA ASN A 68 1.48 -8.30 -1.54
C ASN A 68 1.61 -9.50 -0.61
N VAL A 69 2.31 -9.37 0.51
CA VAL A 69 2.49 -10.47 1.45
C VAL A 69 1.80 -10.22 2.77
N TRP A 70 1.64 -8.97 3.20
CA TRP A 70 1.05 -8.64 4.49
C TRP A 70 -0.29 -7.93 4.40
N ARG A 71 -0.51 -7.11 3.36
CA ARG A 71 -1.75 -6.32 3.29
C ARG A 71 -2.91 -7.15 2.75
N PHE A 72 -2.76 -7.70 1.54
CA PHE A 72 -3.84 -8.47 0.92
C PHE A 72 -4.31 -9.64 1.78
N PRO A 73 -3.44 -10.45 2.39
CA PRO A 73 -3.95 -11.61 3.15
C PRO A 73 -4.92 -11.25 4.25
N TYR A 74 -4.74 -10.11 4.94
CA TYR A 74 -5.68 -9.76 5.99
C TYR A 74 -6.81 -8.87 5.48
N LEU A 75 -6.57 -8.07 4.43
CA LEU A 75 -7.66 -7.30 3.84
C LEU A 75 -8.74 -8.22 3.27
N CYS A 76 -8.32 -9.29 2.60
CA CYS A 76 -9.28 -10.23 2.03
C CYS A 76 -10.12 -10.89 3.12
N TYR A 77 -9.48 -11.26 4.24
CA TYR A 77 -10.22 -11.87 5.34
C TYR A 77 -11.14 -10.84 5.99
N ARG A 78 -10.71 -9.58 6.06
CA ARG A 78 -11.52 -8.53 6.67
C ARG A 78 -12.74 -8.17 5.82
N ASN A 79 -12.64 -8.31 4.51
CA ASN A 79 -13.79 -8.02 3.64
C ASN A 79 -14.66 -9.25 3.39
N GLY A 80 -14.70 -10.17 4.35
CA GLY A 80 -15.59 -11.32 4.24
C GLY A 80 -15.04 -12.48 3.44
N GLY A 81 -13.77 -12.41 3.04
CA GLY A 81 -13.15 -13.51 2.35
C GLY A 81 -13.31 -13.48 0.84
N GLY A 82 -13.99 -14.48 0.29
CA GLY A 82 -14.14 -14.61 -1.14
C GLY A 82 -15.05 -13.59 -1.80
N ALA A 83 -15.83 -12.84 -1.03
CA ALA A 83 -16.64 -11.78 -1.59
C ALA A 83 -15.83 -10.60 -2.08
N PHE A 84 -14.53 -10.56 -1.77
CA PHE A 84 -13.65 -9.49 -2.20
C PHE A 84 -12.95 -9.78 -3.52
N MET A 85 -12.86 -11.06 -3.92
CA MET A 85 -12.08 -11.42 -5.09
C MET A 85 -12.70 -10.89 -6.37
N PHE A 86 -14.00 -11.12 -6.57
CA PHE A 86 -14.66 -10.65 -7.78
C PHE A 86 -14.62 -9.14 -7.93
N PRO A 87 -14.97 -8.33 -6.91
CA PRO A 87 -14.78 -6.88 -7.05
C PRO A 87 -13.33 -6.49 -7.30
N TYR A 88 -12.39 -7.24 -6.71
CA TYR A 88 -10.97 -6.96 -6.99
C TYR A 88 -10.65 -7.18 -8.46
N PHE A 89 -11.15 -8.26 -9.05
CA PHE A 89 -10.91 -8.51 -10.47
C PHE A 89 -11.55 -7.42 -11.33
N ILE A 90 -12.78 -7.03 -11.00
CA ILE A 90 -13.46 -6.00 -11.78
C ILE A 90 -12.71 -4.67 -11.69
N MET A 91 -12.28 -4.30 -10.49
CA MET A 91 -11.58 -3.03 -10.29
C MET A 91 -10.17 -3.05 -10.87
N LEU A 92 -9.55 -4.23 -10.99
CA LEU A 92 -8.25 -4.30 -11.65
C LEU A 92 -8.39 -4.24 -13.16
N ILE A 93 -9.43 -4.86 -13.71
CA ILE A 93 -9.63 -4.86 -15.16
C ILE A 93 -10.03 -3.50 -15.70
N PHE A 94 -10.93 -2.79 -15.02
CA PHE A 94 -11.45 -1.52 -15.54
C PHE A 94 -10.94 -0.30 -14.80
N CYS A 95 -10.18 -0.47 -13.72
CA CYS A 95 -9.60 0.68 -13.03
C CYS A 95 -8.16 0.42 -12.59
N GLY A 96 -7.52 -0.61 -13.10
CA GLY A 96 -6.16 -0.97 -12.76
C GLY A 96 -5.20 -0.64 -13.88
N ILE A 97 -4.91 -1.65 -14.71
CA ILE A 97 -4.10 -1.51 -15.91
C ILE A 97 -4.36 -0.21 -16.67
N PRO A 98 -5.62 0.18 -16.94
CA PRO A 98 -5.85 1.47 -17.61
C PRO A 98 -5.54 2.69 -16.76
N LEU A 99 -5.27 2.53 -15.45
CA LEU A 99 -4.81 3.62 -14.62
C LEU A 99 -3.30 3.58 -14.42
N PHE A 100 -2.62 2.67 -15.11
CA PHE A 100 -1.17 2.51 -15.04
C PHE A 100 -0.48 2.91 -16.33
N PHE A 101 -1.05 2.58 -17.49
CA PHE A 101 -0.51 3.04 -18.75
C PHE A 101 -0.54 4.57 -18.82
N MET A 102 -1.60 5.19 -18.27
CA MET A 102 -1.67 6.63 -18.27
C MET A 102 -0.50 7.23 -17.50
N GLU A 103 -0.21 6.69 -16.31
CA GLU A 103 0.89 7.22 -15.51
C GLU A 103 2.23 6.97 -16.19
N LEU A 104 2.41 5.78 -16.78
CA LEU A 104 3.67 5.50 -17.46
C LEU A 104 3.90 6.46 -18.63
N SER A 105 2.88 6.68 -19.45
CA SER A 105 3.02 7.61 -20.56
C SER A 105 3.24 9.04 -20.06
N PHE A 106 2.52 9.42 -19.01
CA PHE A 106 2.64 10.77 -18.46
C PHE A 106 4.04 11.03 -17.94
N GLY A 107 4.62 10.06 -17.24
CA GLY A 107 6.00 10.20 -16.78
C GLY A 107 6.99 10.17 -17.93
N GLN A 108 6.78 9.27 -18.90
CA GLN A 108 7.72 9.16 -20.01
C GLN A 108 7.68 10.39 -20.91
N PHE A 109 6.61 11.17 -20.83
CA PHE A 109 6.54 12.45 -21.54
C PHE A 109 7.71 13.35 -21.19
N ALA A 110 7.81 13.75 -19.92
CA ALA A 110 8.87 14.64 -19.45
C ALA A 110 9.56 13.98 -18.27
N SER A 111 10.89 13.99 -18.28
CA SER A 111 11.67 13.35 -17.24
C SER A 111 11.57 14.19 -15.97
N GLN A 112 10.54 13.94 -15.17
CA GLN A 112 10.32 14.65 -13.91
C GLN A 112 9.85 13.62 -12.89
N GLY A 113 9.40 14.11 -11.74
CA GLY A 113 8.93 13.23 -10.68
C GLY A 113 7.50 13.49 -10.29
N CYS A 114 7.16 13.20 -9.02
CA CYS A 114 5.81 13.48 -8.55
C CYS A 114 5.46 14.96 -8.68
N LEU A 115 6.43 15.83 -8.43
CA LEU A 115 6.30 17.25 -8.69
C LEU A 115 6.98 17.61 -10.00
N GLY A 116 6.66 18.80 -10.50
CA GLY A 116 7.20 19.27 -11.76
C GLY A 116 6.39 18.88 -12.99
N VAL A 117 5.83 17.68 -12.98
CA VAL A 117 4.99 17.25 -14.11
C VAL A 117 3.74 18.08 -14.24
N TRP A 118 3.31 18.75 -13.16
CA TRP A 118 2.06 19.50 -13.20
C TRP A 118 2.26 20.87 -13.83
N ARG A 119 2.82 20.91 -15.04
CA ARG A 119 2.90 22.11 -15.85
C ARG A 119 1.75 22.19 -16.85
N ILE A 120 0.85 21.21 -16.83
CA ILE A 120 -0.35 21.26 -17.65
C ILE A 120 -1.36 22.26 -17.09
N SER A 121 -1.57 22.22 -15.78
CA SER A 121 -2.46 23.15 -15.08
C SER A 121 -1.83 23.51 -13.76
N PRO A 122 -1.14 24.66 -13.69
CA PRO A 122 -0.49 25.06 -12.43
C PRO A 122 -1.45 25.16 -11.26
N MET A 123 -2.71 25.49 -11.52
CA MET A 123 -3.70 25.56 -10.44
C MET A 123 -3.90 24.20 -9.79
N PHE A 124 -3.66 23.13 -10.54
CA PHE A 124 -3.85 21.77 -10.04
C PHE A 124 -2.58 21.17 -9.45
N LYS A 125 -1.51 21.96 -9.28
CA LYS A 125 -0.28 21.44 -8.71
C LYS A 125 -0.45 21.00 -7.26
N GLY A 126 -1.55 21.40 -6.61
CA GLY A 126 -1.80 20.96 -5.24
C GLY A 126 -1.93 19.45 -5.13
N VAL A 127 -2.29 18.79 -6.22
CA VAL A 127 -2.36 17.33 -6.22
C VAL A 127 -0.99 16.74 -5.90
N GLY A 128 0.07 17.31 -6.48
CA GLY A 128 1.41 16.81 -6.20
C GLY A 128 1.80 16.98 -4.74
N TYR A 129 1.53 18.16 -4.17
CA TYR A 129 1.84 18.37 -2.76
C TYR A 129 1.03 17.44 -1.87
N GLY A 130 -0.25 17.26 -2.17
CA GLY A 130 -1.06 16.33 -1.42
C GLY A 130 -0.64 14.88 -1.62
N MET A 131 0.03 14.60 -2.73
CA MET A 131 0.50 13.24 -2.99
C MET A 131 1.61 12.86 -2.02
N MET A 132 2.50 13.81 -1.68
CA MET A 132 3.54 13.55 -0.70
C MET A 132 2.94 13.29 0.68
N VAL A 133 1.88 14.02 1.04
CA VAL A 133 1.29 13.89 2.36
C VAL A 133 0.80 12.47 2.59
N VAL A 134 0.22 11.85 1.56
CA VAL A 134 -0.19 10.46 1.67
C VAL A 134 1.03 9.56 1.88
N SER A 135 2.11 9.81 1.12
CA SER A 135 3.30 8.99 1.26
C SER A 135 3.91 9.11 2.64
N THR A 136 3.85 10.31 3.24
CA THR A 136 4.36 10.48 4.60
C THR A 136 3.59 9.61 5.58
N TYR A 137 2.26 9.59 5.47
CA TYR A 137 1.46 8.73 6.34
C TYR A 137 1.61 7.26 6.00
N ILE A 138 2.16 6.92 4.83
CA ILE A 138 2.39 5.52 4.48
C ILE A 138 3.82 5.11 4.82
N GLY A 139 4.80 5.96 4.54
CA GLY A 139 6.18 5.61 4.79
C GLY A 139 6.63 5.79 6.22
N ILE A 140 5.70 5.72 7.17
CA ILE A 140 6.01 5.84 8.58
C ILE A 140 5.58 4.58 9.31
N TYR A 141 4.54 3.92 8.81
CA TYR A 141 4.04 2.71 9.46
C TYR A 141 4.53 1.43 8.82
N TYR A 142 5.28 1.51 7.72
CA TYR A 142 6.02 0.33 7.25
C TYR A 142 7.07 -0.11 8.24
N ASN A 143 7.85 0.83 8.79
CA ASN A 143 8.98 0.46 9.65
C ASN A 143 8.51 -0.21 10.93
N VAL A 144 7.33 0.17 11.44
CA VAL A 144 6.78 -0.51 12.61
C VAL A 144 6.54 -1.98 12.30
N VAL A 145 5.94 -2.25 11.14
CA VAL A 145 5.80 -3.63 10.68
C VAL A 145 7.17 -4.24 10.43
N ILE A 146 8.07 -3.48 9.80
CA ILE A 146 9.42 -3.97 9.55
C ILE A 146 10.13 -4.25 10.86
N CYS A 147 9.94 -3.38 11.86
CA CYS A 147 10.58 -3.59 13.16
C CYS A 147 10.09 -4.89 13.79
N ILE A 148 8.81 -5.22 13.64
CA ILE A 148 8.28 -6.48 14.16
C ILE A 148 8.99 -7.66 13.50
N ALA A 149 9.31 -7.53 12.20
CA ALA A 149 10.09 -8.57 11.54
C ALA A 149 11.48 -8.68 12.16
N PHE A 150 12.08 -7.55 12.53
CA PHE A 150 13.36 -7.58 13.24
C PHE A 150 13.24 -8.25 14.61
N TYR A 151 12.07 -8.20 15.23
CA TYR A 151 11.86 -8.89 16.49
C TYR A 151 11.67 -10.39 16.31
N TYR A 152 11.37 -10.85 15.10
CA TYR A 152 11.24 -12.27 14.81
C TYR A 152 12.52 -12.89 14.28
N PHE A 153 13.28 -12.13 13.50
CA PHE A 153 14.58 -12.61 13.03
C PHE A 153 15.52 -12.86 14.21
N PHE A 154 15.54 -11.94 15.17
CA PHE A 154 16.39 -12.12 16.35
C PHE A 154 15.85 -13.22 17.26
N SER A 155 14.53 -13.41 17.28
CA SER A 155 13.94 -14.42 18.16
C SER A 155 14.18 -15.83 17.64
N SER A 156 14.32 -15.99 16.33
CA SER A 156 14.53 -17.30 15.72
C SER A 156 16.01 -17.68 15.75
N MET A 157 16.54 -17.77 16.98
CA MET A 157 17.94 -18.14 17.22
C MET A 157 17.97 -19.21 18.31
N THR A 158 17.08 -20.20 18.18
CA THR A 158 16.97 -21.27 19.16
C THR A 158 16.73 -22.57 18.41
N HIS A 159 17.17 -23.69 18.99
CA HIS A 159 16.97 -25.00 18.39
C HIS A 159 15.50 -25.30 18.18
N VAL A 160 14.67 -24.84 19.12
CA VAL A 160 13.21 -24.97 19.02
C VAL A 160 12.63 -23.57 18.96
N LEU A 161 11.69 -23.35 18.04
CA LEU A 161 11.12 -22.03 17.86
C LEU A 161 10.26 -21.66 19.06
N PRO A 162 10.35 -20.43 19.56
CA PRO A 162 9.51 -20.05 20.71
C PRO A 162 8.01 -20.14 20.45
N TRP A 163 7.58 -19.84 19.24
CA TRP A 163 6.15 -19.89 18.92
C TRP A 163 5.73 -21.26 18.39
N ALA A 164 6.17 -22.32 19.08
CA ALA A 164 5.90 -23.67 18.58
C ALA A 164 5.53 -24.65 19.69
N TYR A 165 5.43 -24.22 20.94
CA TYR A 165 5.11 -25.13 22.03
C TYR A 165 4.08 -24.47 22.93
N CYS A 166 2.97 -25.17 23.19
CA CYS A 166 1.92 -24.71 24.09
C CYS A 166 2.24 -25.09 25.54
N ASN A 167 3.45 -24.71 25.97
CA ASN A 167 3.86 -24.89 27.35
C ASN A 167 4.61 -23.69 27.93
N ASN A 168 4.94 -22.68 27.13
CA ASN A 168 5.72 -21.56 27.58
C ASN A 168 4.95 -20.71 28.58
N PRO A 169 5.64 -19.97 29.45
CA PRO A 169 4.93 -19.16 30.46
C PRO A 169 3.98 -18.13 29.89
N TRP A 170 4.27 -17.59 28.71
CA TRP A 170 3.40 -16.58 28.09
C TRP A 170 2.23 -17.23 27.34
N ASN A 171 1.52 -18.11 28.03
CA ASN A 171 0.36 -18.80 27.47
C ASN A 171 -0.76 -18.76 28.50
N THR A 172 -1.82 -19.52 28.24
CA THR A 172 -2.97 -19.56 29.13
C THR A 172 -3.43 -21.02 29.24
N HIS A 173 -4.53 -21.23 29.97
CA HIS A 173 -5.08 -22.56 30.16
C HIS A 173 -5.98 -23.00 29.02
N ASP A 174 -6.38 -22.08 28.14
CA ASP A 174 -7.17 -22.43 26.97
C ASP A 174 -6.34 -22.65 25.72
N CYS A 175 -5.02 -22.51 25.82
CA CYS A 175 -4.12 -22.76 24.69
C CYS A 175 -4.25 -24.19 24.19
N ALA A 176 -4.22 -24.34 22.87
CA ALA A 176 -4.20 -25.64 22.22
C ALA A 176 -2.85 -25.87 21.55
N GLY A 177 -2.67 -27.09 21.03
CA GLY A 177 -1.43 -27.46 20.39
C GLY A 177 -1.66 -28.35 19.19
N VAL A 178 -0.64 -28.40 18.33
CA VAL A 178 -0.65 -29.23 17.14
C VAL A 178 0.47 -30.27 17.15
N LEU A 179 1.66 -29.90 17.64
CA LEU A 179 2.79 -30.80 17.63
C LEU A 179 2.59 -31.93 18.62
N ASP A 180 2.91 -33.16 18.19
CA ASP A 180 2.89 -34.34 19.04
C ASP A 180 1.54 -34.54 19.73
N HIS A 203 -9.14 -25.49 28.35
CA HIS A 203 -10.45 -26.10 28.15
C HIS A 203 -11.50 -25.04 27.85
N SER A 204 -12.62 -25.12 28.55
CA SER A 204 -13.72 -24.16 28.43
C SER A 204 -14.19 -24.03 26.98
N LEU A 205 -14.07 -22.83 26.42
CA LEU A 205 -14.53 -22.57 25.07
C LEU A 205 -13.53 -21.65 24.37
N GLN A 206 -13.68 -21.55 23.05
CA GLN A 206 -12.84 -20.69 22.21
C GLN A 206 -11.36 -21.09 22.35
N ARG A 207 -11.08 -22.30 21.88
CA ARG A 207 -9.71 -22.79 21.85
C ARG A 207 -8.85 -21.88 20.98
N THR A 208 -7.64 -21.60 21.45
CA THR A 208 -6.72 -20.74 20.74
C THR A 208 -5.49 -21.51 20.27
N SER A 209 -5.09 -21.26 19.03
CA SER A 209 -3.90 -21.90 18.50
C SER A 209 -2.66 -21.36 19.21
N PRO A 210 -1.60 -22.16 19.35
CA PRO A 210 -0.42 -21.69 20.10
C PRO A 210 0.27 -20.50 19.46
N SER A 211 0.06 -20.24 18.17
CA SER A 211 0.70 -19.11 17.52
C SER A 211 0.14 -17.78 17.98
N GLU A 212 -1.17 -17.71 18.25
CA GLU A 212 -1.77 -16.44 18.65
C GLU A 212 -1.23 -15.95 19.98
N GLU A 213 -1.03 -16.85 20.94
CA GLU A 213 -0.54 -16.42 22.24
C GLU A 213 0.97 -16.27 22.22
N TYR A 214 1.47 -15.59 21.21
CA TYR A 214 2.80 -15.00 21.09
C TYR A 214 2.74 -13.58 20.58
N TRP A 215 1.83 -13.29 19.65
CA TRP A 215 1.65 -11.95 19.10
C TRP A 215 0.90 -11.02 20.05
N ARG A 216 0.19 -11.57 21.03
CA ARG A 216 -0.65 -10.79 21.91
C ARG A 216 -0.06 -10.61 23.31
N LEU A 217 0.30 -11.71 23.98
CA LEU A 217 0.69 -11.66 25.38
C LEU A 217 2.21 -11.56 25.59
N TYR A 218 3.00 -11.62 24.54
CA TYR A 218 4.45 -11.54 24.75
C TYR A 218 5.13 -10.48 23.92
N VAL A 219 4.71 -10.28 22.67
CA VAL A 219 5.38 -9.31 21.82
C VAL A 219 4.93 -7.88 22.14
N LEU A 220 3.63 -7.66 22.25
CA LEU A 220 3.10 -6.31 22.40
C LEU A 220 2.39 -6.06 23.71
N LYS A 221 1.82 -7.08 24.34
CA LYS A 221 1.07 -6.94 25.58
C LYS A 221 -0.05 -5.91 25.42
N LEU A 222 -0.84 -6.11 24.37
CA LEU A 222 -1.85 -5.12 23.99
C LEU A 222 -2.89 -4.96 25.08
N SER A 223 -3.33 -3.72 25.28
CA SER A 223 -4.34 -3.40 26.28
C SER A 223 -5.73 -3.58 25.68
N ASP A 224 -6.76 -3.19 26.43
CA ASP A 224 -8.14 -3.37 25.96
C ASP A 224 -8.45 -2.52 24.73
N ASP A 225 -8.05 -1.25 24.76
CA ASP A 225 -8.41 -0.32 23.69
C ASP A 225 -7.46 0.88 23.80
N ILE A 226 -7.76 1.94 23.04
CA ILE A 226 -6.95 3.16 23.08
C ILE A 226 -7.00 3.80 24.46
N GLY A 227 -8.01 3.44 25.25
CA GLY A 227 -8.23 4.12 26.53
C GLY A 227 -7.03 4.07 27.46
N ASN A 228 -6.16 3.08 27.31
CA ASN A 228 -4.95 2.96 28.12
C ASN A 228 -3.77 2.92 27.15
N PHE A 229 -2.95 3.97 27.17
CA PHE A 229 -1.77 4.01 26.31
C PHE A 229 -0.72 3.00 26.74
N GLY A 230 -0.52 2.83 28.04
CA GLY A 230 0.44 1.87 28.54
C GLY A 230 1.87 2.35 28.44
N GLU A 231 2.78 1.43 28.77
CA GLU A 231 4.21 1.71 28.74
C GLU A 231 4.72 1.45 27.32
N VAL A 232 6.04 1.47 27.14
CA VAL A 232 6.66 1.23 25.85
C VAL A 232 7.41 -0.10 25.91
N ARG A 233 7.15 -0.96 24.93
CA ARG A 233 7.83 -2.25 24.84
C ARG A 233 9.30 -2.01 24.51
N LEU A 234 10.17 -2.23 25.49
CA LEU A 234 11.59 -1.95 25.30
C LEU A 234 12.22 -2.76 24.18
N PRO A 235 12.01 -4.08 24.04
CA PRO A 235 12.62 -4.79 22.90
C PRO A 235 12.17 -4.24 21.55
N LEU A 236 10.87 -3.93 21.40
CA LEU A 236 10.39 -3.42 20.12
C LEU A 236 10.93 -2.03 19.86
N LEU A 237 10.99 -1.19 20.89
CA LEU A 237 11.57 0.15 20.72
C LEU A 237 13.03 0.06 20.31
N GLY A 238 13.78 -0.86 20.92
CA GLY A 238 15.18 -1.04 20.54
C GLY A 238 15.32 -1.52 19.11
N CYS A 239 14.48 -2.48 18.70
CA CYS A 239 14.54 -2.96 17.32
C CYS A 239 14.12 -1.91 16.31
N LEU A 240 13.25 -0.96 16.70
CA LEU A 240 12.86 0.09 15.78
C LEU A 240 14.02 1.01 15.42
N GLY A 241 14.94 1.21 16.37
CA GLY A 241 16.11 2.04 16.10
C GLY A 241 16.96 1.48 14.97
N VAL A 242 17.19 0.17 14.99
CA VAL A 242 17.95 -0.46 13.92
C VAL A 242 17.20 -0.34 12.59
N SER A 243 15.87 -0.45 12.64
CA SER A 243 15.08 -0.31 11.42
C SER A 243 15.23 1.07 10.80
N TRP A 244 15.23 2.11 11.62
CA TRP A 244 15.46 3.46 11.10
C TRP A 244 16.94 3.77 10.85
N LEU A 245 17.86 2.97 11.37
CA LEU A 245 19.28 3.22 11.20
C LEU A 245 19.86 2.58 9.93
N VAL A 246 19.49 1.33 9.66
CA VAL A 246 20.04 0.62 8.51
C VAL A 246 19.64 1.33 7.22
N VAL A 247 18.41 1.83 7.16
CA VAL A 247 17.96 2.58 5.98
C VAL A 247 18.80 3.83 5.79
N PHE A 248 19.07 4.56 6.88
CA PHE A 248 19.84 5.79 6.78
C PHE A 248 21.25 5.50 6.30
N LEU A 249 21.92 4.51 6.89
CA LEU A 249 23.29 4.20 6.49
C LEU A 249 23.37 3.74 5.05
N CYS A 250 22.41 2.92 4.60
CA CYS A 250 22.45 2.46 3.21
C CYS A 250 22.11 3.57 2.24
N LEU A 251 21.29 4.54 2.67
CA LEU A 251 20.93 5.65 1.79
C LEU A 251 22.10 6.62 1.62
N ILE A 252 22.87 6.87 2.67
CA ILE A 252 23.90 7.90 2.61
C ILE A 252 25.15 7.44 1.86
N ARG A 253 25.42 6.13 1.82
CA ARG A 253 26.62 5.66 1.14
C ARG A 253 26.55 5.85 -0.37
N GLY A 254 25.34 5.93 -0.93
CA GLY A 254 25.18 6.12 -2.36
C GLY A 254 23.82 5.68 -2.86
N THR A 265 18.27 -11.06 -5.39
CA THR A 265 17.48 -9.85 -5.44
C THR A 265 16.05 -10.14 -5.85
N ALA A 266 15.88 -11.00 -6.84
CA ALA A 266 14.56 -11.38 -7.34
C ALA A 266 14.50 -12.91 -7.42
N THR A 267 13.29 -13.42 -7.65
CA THR A 267 13.00 -14.85 -7.79
C THR A 267 13.25 -15.61 -6.49
N PHE A 268 13.68 -14.91 -5.44
CA PHE A 268 13.89 -15.51 -4.14
C PHE A 268 12.55 -15.64 -3.40
N PRO A 269 11.69 -14.61 -3.40
CA PRO A 269 10.38 -14.80 -2.74
C PRO A 269 9.56 -15.92 -3.33
N TYR A 270 9.63 -16.13 -4.64
CA TYR A 270 8.77 -17.13 -5.27
C TYR A 270 9.10 -18.55 -4.79
N VAL A 271 10.39 -18.87 -4.65
CA VAL A 271 10.76 -20.23 -4.26
C VAL A 271 10.37 -20.50 -2.81
N VAL A 272 10.54 -19.51 -1.94
CA VAL A 272 10.14 -19.66 -0.54
C VAL A 272 8.62 -19.80 -0.43
N LEU A 273 7.89 -19.00 -1.21
CA LEU A 273 6.44 -19.12 -1.22
C LEU A 273 5.99 -20.47 -1.72
N THR A 274 6.67 -21.00 -2.74
CA THR A 274 6.35 -22.34 -3.23
C THR A 274 6.61 -23.40 -2.17
N ILE A 275 7.74 -23.29 -1.47
CA ILE A 275 8.05 -24.24 -0.41
C ILE A 275 6.98 -24.20 0.67
N LEU A 276 6.56 -23.00 1.07
CA LEU A 276 5.50 -22.87 2.06
C LEU A 276 4.16 -23.38 1.53
N PHE A 277 3.96 -23.30 0.22
CA PHE A 277 2.70 -23.74 -0.37
C PHE A 277 2.61 -25.26 -0.40
N VAL A 278 3.75 -25.93 -0.65
CA VAL A 278 3.75 -27.39 -0.74
C VAL A 278 3.27 -28.00 0.58
N ARG A 279 3.78 -27.51 1.69
CA ARG A 279 3.27 -27.93 2.99
C ARG A 279 2.03 -27.14 3.36
N GLY A 280 1.18 -27.73 4.20
CA GLY A 280 -0.04 -27.09 4.63
C GLY A 280 -1.21 -27.29 3.71
N VAL A 281 -1.03 -27.91 2.55
CA VAL A 281 -2.12 -28.22 1.64
C VAL A 281 -2.47 -29.71 1.63
N THR A 282 -1.48 -30.59 1.64
CA THR A 282 -1.74 -32.02 1.79
C THR A 282 -2.24 -32.39 3.18
N LEU A 283 -2.10 -31.49 4.14
CA LEU A 283 -2.63 -31.72 5.48
C LEU A 283 -4.14 -31.67 5.45
N GLU A 284 -4.77 -32.56 6.22
CA GLU A 284 -6.22 -32.67 6.23
C GLU A 284 -6.83 -31.40 6.81
N GLY A 285 -7.87 -30.90 6.15
CA GLY A 285 -8.53 -29.66 6.57
C GLY A 285 -8.20 -28.45 5.72
N ALA A 286 -7.21 -28.53 4.82
CA ALA A 286 -6.85 -27.37 4.01
C ALA A 286 -7.84 -27.13 2.88
N PHE A 287 -8.65 -28.15 2.54
CA PHE A 287 -9.61 -27.99 1.45
C PHE A 287 -10.64 -26.93 1.78
N ASP A 288 -11.11 -26.90 3.04
CA ASP A 288 -12.10 -25.92 3.44
C ASP A 288 -11.57 -24.49 3.34
N GLY A 289 -10.26 -24.32 3.49
CA GLY A 289 -9.66 -23.01 3.43
C GLY A 289 -9.45 -22.45 2.04
N ILE A 290 -9.70 -23.25 1.01
CA ILE A 290 -9.54 -22.79 -0.37
C ILE A 290 -10.92 -22.46 -0.93
N MET A 291 -11.93 -23.23 -0.53
CA MET A 291 -13.29 -22.95 -0.97
C MET A 291 -13.76 -21.60 -0.47
N TYR A 292 -13.43 -21.25 0.78
CA TYR A 292 -13.79 -19.94 1.32
C TYR A 292 -13.09 -18.83 0.54
N TYR A 293 -11.94 -19.13 -0.06
CA TYR A 293 -11.25 -18.21 -0.96
C TYR A 293 -11.86 -18.20 -2.36
N LEU A 294 -12.97 -18.90 -2.57
CA LEU A 294 -13.61 -18.99 -3.87
C LEU A 294 -15.12 -18.89 -3.64
N THR A 295 -15.91 -19.30 -4.64
CA THR A 295 -17.36 -19.22 -4.62
C THR A 295 -17.88 -17.93 -3.97
N PRO A 296 -17.72 -16.78 -4.64
CA PRO A 296 -18.10 -15.49 -4.03
C PRO A 296 -19.58 -15.42 -3.68
N GLN A 297 -19.90 -14.69 -2.61
CA GLN A 297 -21.27 -14.53 -2.15
C GLN A 297 -21.94 -13.44 -2.98
N TRP A 298 -22.99 -13.81 -3.70
CA TRP A 298 -23.68 -12.85 -4.55
C TRP A 298 -24.51 -11.87 -3.74
N ASP A 299 -24.88 -12.23 -2.51
CA ASP A 299 -25.71 -11.36 -1.70
C ASP A 299 -24.95 -10.12 -1.26
N LYS A 300 -23.67 -10.27 -0.94
CA LYS A 300 -22.89 -9.21 -0.31
C LYS A 300 -22.22 -8.26 -1.31
N ILE A 301 -22.35 -8.53 -2.61
CA ILE A 301 -21.67 -7.69 -3.60
C ILE A 301 -22.33 -6.33 -3.79
N LEU A 302 -23.47 -6.09 -3.16
CA LEU A 302 -24.18 -4.82 -3.26
C LEU A 302 -23.89 -3.89 -2.09
N GLU A 303 -22.68 -3.95 -1.55
CA GLU A 303 -22.26 -3.12 -0.42
C GLU A 303 -21.33 -2.02 -0.92
N ALA A 304 -20.83 -1.23 0.03
CA ALA A 304 -19.91 -0.12 -0.26
C ALA A 304 -18.51 -0.35 0.26
N LYS A 305 -18.37 -0.98 1.43
CA LYS A 305 -17.05 -1.21 2.01
C LYS A 305 -16.20 -2.12 1.13
N VAL A 306 -16.82 -3.14 0.53
CA VAL A 306 -16.08 -4.10 -0.27
C VAL A 306 -15.44 -3.40 -1.47
N TRP A 307 -16.24 -2.62 -2.21
CA TRP A 307 -15.70 -1.91 -3.36
C TRP A 307 -14.77 -0.78 -2.94
N GLY A 308 -15.01 -0.16 -1.79
CA GLY A 308 -14.10 0.87 -1.32
C GLY A 308 -12.72 0.32 -1.02
N ASP A 309 -12.66 -0.84 -0.36
CA ASP A 309 -11.38 -1.49 -0.12
C ASP A 309 -10.77 -2.02 -1.41
N ALA A 310 -11.59 -2.49 -2.35
CA ALA A 310 -11.09 -3.00 -3.61
C ALA A 310 -10.39 -1.90 -4.41
N ALA A 311 -10.98 -0.70 -4.44
CA ALA A 311 -10.34 0.41 -5.15
C ALA A 311 -9.03 0.80 -4.51
N SER A 312 -8.98 0.81 -3.17
CA SER A 312 -7.74 1.17 -2.48
C SER A 312 -6.64 0.15 -2.75
N GLN A 313 -6.96 -1.13 -2.64
CA GLN A 313 -5.95 -2.16 -2.84
C GLN A 313 -5.45 -2.17 -4.28
N ILE A 314 -6.35 -2.02 -5.25
CA ILE A 314 -5.96 -2.00 -6.66
C ILE A 314 -5.11 -0.79 -7.00
N PHE A 315 -5.14 0.27 -6.19
CA PHE A 315 -4.30 1.44 -6.38
C PHE A 315 -3.08 1.47 -5.49
N TYR A 316 -3.17 0.85 -4.30
CA TYR A 316 -2.06 0.84 -3.37
C TYR A 316 -0.91 -0.03 -3.88
N SER A 317 -1.23 -1.24 -4.34
CA SER A 317 -0.20 -2.17 -4.77
C SER A 317 0.45 -1.73 -6.09
N LEU A 318 -0.37 -1.28 -7.05
CA LEU A 318 0.15 -0.88 -8.34
C LEU A 318 1.06 0.34 -8.21
N GLY A 319 0.70 1.29 -7.35
CA GLY A 319 1.47 2.49 -7.15
C GLY A 319 0.85 3.77 -7.67
N CYS A 320 -0.42 3.74 -8.06
CA CYS A 320 -1.08 4.94 -8.56
C CYS A 320 -1.18 5.99 -7.46
N ALA A 321 -0.58 7.16 -7.71
CA ALA A 321 -0.52 8.27 -6.77
C ALA A 321 0.14 7.89 -5.45
N TRP A 322 0.89 6.79 -5.44
CA TRP A 322 1.57 6.32 -4.24
C TRP A 322 2.99 6.88 -4.09
N GLY A 323 3.58 7.34 -5.17
CA GLY A 323 4.97 7.78 -5.12
C GLY A 323 5.93 6.66 -5.46
N GLY A 324 7.06 7.04 -6.04
CA GLY A 324 8.02 6.05 -6.48
C GLY A 324 7.66 5.32 -7.74
N LEU A 325 6.64 5.78 -8.47
CA LEU A 325 6.28 5.20 -9.75
C LEU A 325 6.38 6.21 -10.89
N ILE A 326 5.81 7.40 -10.71
CA ILE A 326 5.97 8.45 -11.71
C ILE A 326 7.41 8.91 -11.79
N THR A 327 8.11 8.96 -10.64
CA THR A 327 9.47 9.49 -10.61
C THR A 327 10.42 8.65 -11.44
N MET A 328 10.33 7.32 -11.33
CA MET A 328 11.24 6.46 -12.08
C MET A 328 10.90 6.41 -13.57
N ALA A 329 9.74 6.91 -13.97
CA ALA A 329 9.43 7.01 -15.39
C ALA A 329 10.37 7.98 -16.09
N SER A 330 11.04 8.86 -15.34
CA SER A 330 12.06 9.71 -15.92
C SER A 330 13.22 8.89 -16.47
N TYR A 331 13.62 7.85 -15.73
CA TYR A 331 14.71 6.99 -16.17
C TYR A 331 14.21 5.94 -17.16
N ASN A 332 13.50 6.39 -18.20
CA ASN A 332 12.97 5.51 -19.23
C ASN A 332 13.21 6.17 -20.58
N LYS A 333 13.56 5.35 -21.57
CA LYS A 333 13.77 5.85 -22.91
C LYS A 333 12.48 6.41 -23.50
N PHE A 334 12.59 7.46 -24.30
CA PHE A 334 11.43 8.10 -24.88
C PHE A 334 10.69 7.18 -25.85
N HIS A 335 11.36 6.17 -26.39
CA HIS A 335 10.76 5.23 -27.32
C HIS A 335 10.66 3.84 -26.70
N ASN A 336 10.31 3.78 -25.43
CA ASN A 336 10.14 2.52 -24.73
C ASN A 336 8.66 2.12 -24.75
N ASN A 337 8.42 0.81 -24.82
CA ASN A 337 7.06 0.27 -24.91
C ASN A 337 6.47 0.21 -23.51
N CYS A 338 5.89 1.33 -23.07
CA CYS A 338 5.22 1.37 -21.78
C CYS A 338 3.98 0.48 -21.77
N TYR A 339 3.40 0.22 -22.94
CA TYR A 339 2.22 -0.63 -23.02
C TYR A 339 2.54 -2.05 -22.56
N ARG A 340 3.64 -2.61 -23.06
CA ARG A 340 4.04 -3.96 -22.66
C ARG A 340 4.35 -4.02 -21.17
N ASP A 341 5.07 -3.02 -20.65
CA ASP A 341 5.38 -3.01 -19.22
C ASP A 341 4.12 -2.93 -18.38
N SER A 342 3.17 -2.08 -18.78
CA SER A 342 1.91 -1.98 -18.05
C SER A 342 1.14 -3.29 -18.09
N VAL A 343 1.16 -3.97 -19.24
CA VAL A 343 0.46 -5.25 -19.33
C VAL A 343 1.11 -6.30 -18.45
N ILE A 344 2.44 -6.37 -18.43
CA ILE A 344 3.14 -7.45 -17.74
C ILE A 344 3.18 -7.23 -16.23
N ILE A 345 3.54 -6.03 -15.78
CA ILE A 345 3.76 -5.78 -14.36
C ILE A 345 2.47 -5.96 -13.57
N SER A 346 1.36 -5.43 -14.09
CA SER A 346 0.08 -5.55 -13.38
C SER A 346 -0.34 -7.00 -13.23
N ILE A 347 -0.21 -7.78 -14.30
CA ILE A 347 -0.59 -9.20 -14.25
C ILE A 347 0.31 -9.95 -13.28
N THR A 348 1.61 -9.68 -13.31
CA THR A 348 2.53 -10.36 -12.41
C THR A 348 2.22 -10.03 -10.95
N ASN A 349 1.95 -8.76 -10.66
CA ASN A 349 1.63 -8.35 -9.29
C ASN A 349 0.34 -9.00 -8.82
N CYS A 350 -0.68 -9.02 -9.67
CA CYS A 350 -1.94 -9.66 -9.30
C CYS A 350 -1.75 -11.14 -9.05
N ALA A 351 -0.98 -11.81 -9.91
CA ALA A 351 -0.75 -13.25 -9.74
C ALA A 351 -0.01 -13.52 -8.43
N THR A 352 1.00 -12.71 -8.11
CA THR A 352 1.72 -12.88 -6.85
C THR A 352 0.80 -12.68 -5.65
N SER A 353 -0.05 -11.65 -5.70
CA SER A 353 -0.98 -11.39 -4.60
C SER A 353 -1.96 -12.55 -4.42
N VAL A 354 -2.50 -13.08 -5.52
CA VAL A 354 -3.45 -14.18 -5.40
C VAL A 354 -2.75 -15.45 -4.91
N TYR A 355 -1.49 -15.67 -5.33
CA TYR A 355 -0.74 -16.82 -4.84
C TYR A 355 -0.50 -16.70 -3.34
N ALA A 356 -0.18 -15.49 -2.87
CA ALA A 356 -0.08 -15.25 -1.43
C ALA A 356 -1.41 -15.51 -0.74
N GLY A 357 -2.51 -15.17 -1.40
CA GLY A 357 -3.82 -15.51 -0.85
C GLY A 357 -4.00 -17.01 -0.66
N PHE A 358 -3.62 -17.81 -1.67
CA PHE A 358 -3.67 -19.26 -1.51
C PHE A 358 -2.80 -19.72 -0.35
N VAL A 359 -1.57 -19.18 -0.26
CA VAL A 359 -0.64 -19.62 0.77
C VAL A 359 -1.20 -19.31 2.15
N ILE A 360 -1.73 -18.10 2.34
CA ILE A 360 -2.24 -17.70 3.65
C ILE A 360 -3.48 -18.48 4.02
N PHE A 361 -4.44 -18.58 3.09
CA PHE A 361 -5.71 -19.22 3.43
C PHE A 361 -5.59 -20.73 3.59
N SER A 362 -4.44 -21.33 3.22
CA SER A 362 -4.27 -22.76 3.41
C SER A 362 -4.16 -23.11 4.89
N ILE A 363 -3.34 -22.37 5.63
CA ILE A 363 -3.15 -22.66 7.04
C ILE A 363 -4.42 -22.39 7.84
N LEU A 364 -5.20 -21.38 7.44
CA LEU A 364 -6.43 -21.06 8.16
C LEU A 364 -7.38 -22.26 8.20
N GLY A 365 -7.40 -23.06 7.13
CA GLY A 365 -8.21 -24.25 7.14
C GLY A 365 -7.78 -25.24 8.21
N PHE A 366 -6.47 -25.46 8.35
CA PHE A 366 -5.99 -26.34 9.40
C PHE A 366 -6.28 -25.78 10.79
N MET A 367 -6.15 -24.46 10.95
CA MET A 367 -6.51 -23.84 12.22
C MET A 367 -7.96 -24.13 12.57
N ALA A 368 -8.86 -23.90 11.61
CA ALA A 368 -10.28 -24.13 11.85
C ALA A 368 -10.56 -25.61 12.14
N ASN A 369 -9.89 -26.51 11.42
CA ASN A 369 -10.13 -27.93 11.60
C ASN A 369 -9.67 -28.41 12.97
N HIS A 370 -8.46 -28.05 13.37
CA HIS A 370 -7.90 -28.55 14.62
C HIS A 370 -8.35 -27.75 15.84
N LEU A 371 -8.99 -26.59 15.65
CA LEU A 371 -9.52 -25.83 16.77
C LEU A 371 -10.98 -26.14 17.05
N GLY A 372 -11.80 -26.27 16.01
CA GLY A 372 -13.19 -26.64 16.18
C GLY A 372 -14.17 -25.53 15.91
N VAL A 373 -13.76 -24.55 15.11
CA VAL A 373 -14.59 -23.41 14.76
C VAL A 373 -14.60 -23.25 13.24
N ASP A 374 -15.49 -22.39 12.76
CA ASP A 374 -15.59 -22.15 11.32
C ASP A 374 -14.43 -21.27 10.85
N VAL A 375 -14.26 -21.23 9.52
CA VAL A 375 -13.19 -20.45 8.92
C VAL A 375 -13.38 -18.95 9.10
N SER A 376 -14.62 -18.46 9.05
CA SER A 376 -14.89 -17.03 9.14
C SER A 376 -14.58 -16.44 10.52
N ARG A 377 -14.54 -17.27 11.56
CA ARG A 377 -14.29 -16.80 12.92
C ARG A 377 -13.09 -17.48 13.57
N VAL A 378 -12.24 -18.16 12.80
CA VAL A 378 -11.09 -18.82 13.38
C VAL A 378 -10.08 -17.81 13.91
N ALA A 379 -9.98 -16.65 13.27
CA ALA A 379 -9.04 -15.62 13.69
C ALA A 379 -9.74 -14.28 13.89
N ASP A 380 -8.98 -13.22 14.10
CA ASP A 380 -9.52 -11.89 14.32
C ASP A 380 -9.19 -11.00 13.13
N HIS A 381 -10.07 -10.02 12.88
CA HIS A 381 -9.91 -9.10 11.76
C HIS A 381 -8.91 -8.01 12.11
N GLY A 382 -7.70 -8.39 12.51
CA GLY A 382 -6.70 -7.44 12.92
C GLY A 382 -5.75 -7.08 11.80
N PRO A 383 -4.85 -6.13 12.08
CA PRO A 383 -3.86 -5.73 11.06
C PRO A 383 -2.77 -6.77 10.82
N GLY A 384 -2.55 -7.68 11.77
CA GLY A 384 -1.55 -8.70 11.61
C GLY A 384 -2.13 -10.08 11.44
N LEU A 385 -2.08 -10.62 10.22
CA LEU A 385 -2.52 -11.97 9.95
C LEU A 385 -1.36 -12.79 9.42
N ALA A 386 -0.43 -12.13 8.73
CA ALA A 386 0.78 -12.81 8.29
C ALA A 386 1.60 -13.28 9.48
N PHE A 387 1.72 -12.45 10.52
CA PHE A 387 2.45 -12.85 11.72
C PHE A 387 1.67 -13.84 12.57
N VAL A 388 0.42 -14.12 12.23
CA VAL A 388 -0.37 -15.11 12.95
C VAL A 388 -0.51 -16.41 12.17
N ALA A 389 -0.53 -16.37 10.83
CA ALA A 389 -0.71 -17.55 10.00
C ALA A 389 0.59 -18.11 9.46
N TYR A 390 1.51 -17.25 8.99
CA TYR A 390 2.78 -17.73 8.47
C TYR A 390 3.61 -18.50 9.50
N PRO A 391 3.79 -18.03 10.74
CA PRO A 391 4.68 -18.75 11.66
C PRO A 391 4.28 -20.19 11.92
N GLU A 392 2.99 -20.50 11.98
CA GLU A 392 2.58 -21.88 12.22
C GLU A 392 2.95 -22.78 11.05
N ALA A 393 2.89 -22.26 9.83
CA ALA A 393 3.30 -23.04 8.67
C ALA A 393 4.78 -23.40 8.75
N LEU A 394 5.61 -22.44 9.20
CA LEU A 394 7.03 -22.72 9.35
C LEU A 394 7.29 -23.76 10.43
N THR A 395 6.45 -23.79 11.47
CA THR A 395 6.62 -24.78 12.53
C THR A 395 6.41 -26.19 12.00
N LEU A 396 5.40 -26.40 11.15
CA LEU A 396 5.10 -27.74 10.65
C LEU A 396 6.23 -28.30 9.81
N LEU A 397 6.96 -27.43 9.10
CA LEU A 397 8.06 -27.90 8.28
C LEU A 397 9.19 -28.42 9.16
N PRO A 398 9.88 -29.48 8.73
CA PRO A 398 11.10 -29.89 9.43
C PRO A 398 12.20 -28.85 9.24
N ILE A 399 13.25 -28.99 10.06
CA ILE A 399 14.37 -28.05 10.16
C ILE A 399 13.85 -26.61 10.10
N SER A 400 12.82 -26.34 10.91
CA SER A 400 12.13 -25.05 10.86
C SER A 400 13.00 -23.83 11.09
N PRO A 401 13.96 -23.80 12.03
CA PRO A 401 14.68 -22.52 12.28
C PRO A 401 15.32 -21.93 11.05
N LEU A 402 15.90 -22.77 10.19
CA LEU A 402 16.51 -22.26 8.96
C LEU A 402 15.46 -21.62 8.06
N TRP A 403 14.30 -22.25 7.93
CA TRP A 403 13.23 -21.70 7.10
C TRP A 403 12.77 -20.36 7.66
N SER A 404 12.61 -20.27 8.99
CA SER A 404 12.19 -19.01 9.59
C SER A 404 13.23 -17.92 9.35
N LEU A 405 14.51 -18.26 9.51
CA LEU A 405 15.58 -17.27 9.29
C LEU A 405 15.57 -16.78 7.85
N LEU A 406 15.41 -17.67 6.88
CA LEU A 406 15.34 -17.22 5.49
C LEU A 406 14.09 -16.38 5.22
N PHE A 407 12.94 -16.80 5.74
CA PHE A 407 11.69 -16.11 5.44
C PHE A 407 11.69 -14.69 6.01
N PHE A 408 12.05 -14.54 7.29
CA PHE A 408 12.03 -13.22 7.88
C PHE A 408 13.14 -12.33 7.34
N PHE A 409 14.29 -12.91 7.00
CA PHE A 409 15.35 -12.15 6.34
C PHE A 409 14.88 -11.63 4.99
N MET A 410 14.18 -12.47 4.23
CA MET A 410 13.60 -12.04 2.96
C MET A 410 12.61 -10.91 3.16
N LEU A 411 11.75 -11.03 4.18
CA LEU A 411 10.75 -9.99 4.43
C LEU A 411 11.42 -8.67 4.79
N ILE A 412 12.46 -8.71 5.62
CA ILE A 412 13.18 -7.50 6.01
C ILE A 412 13.82 -6.84 4.80
N LEU A 413 14.51 -7.62 3.96
CA LEU A 413 15.12 -7.05 2.76
C LEU A 413 14.07 -6.47 1.82
N LEU A 414 12.91 -7.12 1.71
CA LEU A 414 11.84 -6.59 0.87
C LEU A 414 11.36 -5.23 1.39
N GLY A 415 11.13 -5.14 2.71
CA GLY A 415 10.68 -3.87 3.27
C GLY A 415 11.71 -2.76 3.13
N LEU A 416 12.98 -3.07 3.36
CA LEU A 416 14.03 -2.08 3.19
C LEU A 416 14.16 -1.65 1.72
N GLY A 417 14.01 -2.59 0.80
CA GLY A 417 14.04 -2.24 -0.61
C GLY A 417 12.93 -1.28 -1.00
N THR A 418 11.75 -1.49 -0.44
CA THR A 418 10.66 -0.54 -0.69
C THR A 418 10.95 0.82 -0.06
N GLN A 419 11.33 0.83 1.22
CA GLN A 419 11.51 2.09 1.94
C GLN A 419 12.64 2.92 1.35
N PHE A 420 13.70 2.27 0.87
CA PHE A 420 14.80 2.99 0.24
C PHE A 420 14.30 3.97 -0.82
N CYS A 421 13.62 3.44 -1.83
CA CYS A 421 13.10 4.29 -2.90
C CYS A 421 12.03 5.24 -2.39
N LEU A 422 11.13 4.75 -1.52
CA LEU A 422 10.02 5.59 -1.08
C LEU A 422 10.51 6.83 -0.35
N LEU A 423 11.59 6.70 0.42
CA LEU A 423 12.12 7.85 1.15
C LEU A 423 13.08 8.67 0.29
N GLU A 424 13.84 8.02 -0.60
CA GLU A 424 14.78 8.77 -1.43
C GLU A 424 14.05 9.69 -2.39
N THR A 425 12.91 9.25 -2.93
CA THR A 425 12.16 10.13 -3.82
C THR A 425 11.63 11.35 -3.08
N LEU A 426 11.17 11.16 -1.84
CA LEU A 426 10.68 12.29 -1.04
C LEU A 426 11.82 13.26 -0.73
N VAL A 427 13.00 12.74 -0.40
CA VAL A 427 14.14 13.61 -0.12
C VAL A 427 14.52 14.39 -1.37
N THR A 428 14.55 13.73 -2.52
CA THR A 428 14.89 14.42 -3.76
C THR A 428 13.87 15.52 -4.06
N ALA A 429 12.59 15.22 -3.87
CA ALA A 429 11.55 16.21 -4.15
C ALA A 429 11.67 17.41 -3.21
N ILE A 430 11.91 17.18 -1.92
CA ILE A 430 11.97 18.28 -0.98
C ILE A 430 13.23 19.11 -1.21
N VAL A 431 14.33 18.47 -1.62
CA VAL A 431 15.54 19.21 -1.92
C VAL A 431 15.35 20.07 -3.16
N ASP A 432 14.77 19.50 -4.22
CA ASP A 432 14.57 20.27 -5.45
C ASP A 432 13.52 21.35 -5.27
N GLU A 433 12.63 21.20 -4.28
CA GLU A 433 11.56 22.17 -4.10
C GLU A 433 12.10 23.54 -3.69
N VAL A 434 13.05 23.57 -2.76
CA VAL A 434 13.54 24.85 -2.24
C VAL A 434 14.34 25.60 -3.29
N GLY A 435 15.11 24.87 -4.10
CA GLY A 435 15.91 25.47 -5.15
C GLY A 435 16.89 26.51 -4.65
N ASN A 436 17.55 26.23 -3.54
CA ASN A 436 18.51 27.13 -2.92
C ASN A 436 19.89 26.46 -2.95
N GLU A 437 20.88 27.15 -2.38
CA GLU A 437 22.25 26.65 -2.34
C GLU A 437 22.67 26.15 -0.97
N TRP A 438 22.28 26.85 0.10
CA TRP A 438 22.63 26.43 1.45
C TRP A 438 21.98 25.09 1.81
N ILE A 439 20.88 24.73 1.16
CA ILE A 439 20.21 23.46 1.42
C ILE A 439 20.38 22.58 0.18
N LEU A 440 21.47 22.79 -0.55
CA LEU A 440 21.75 22.02 -1.76
C LEU A 440 22.94 21.09 -1.59
N GLN A 441 24.10 21.61 -1.21
CA GLN A 441 25.29 20.78 -1.03
C GLN A 441 25.27 20.02 0.28
N LYS A 442 24.36 20.35 1.19
CA LYS A 442 24.30 19.74 2.53
C LYS A 442 23.17 18.73 2.60
N LYS A 443 23.02 17.93 1.54
CA LYS A 443 21.95 16.95 1.44
C LYS A 443 21.94 15.96 2.61
N THR A 444 23.09 15.75 3.25
CA THR A 444 23.14 14.84 4.39
C THR A 444 22.25 15.32 5.52
N TYR A 445 22.20 16.64 5.76
CA TYR A 445 21.41 17.17 6.87
C TYR A 445 19.92 16.91 6.68
N VAL A 446 19.40 17.13 5.48
CA VAL A 446 17.97 16.89 5.26
C VAL A 446 17.67 15.39 5.33
N THR A 447 18.62 14.56 4.90
CA THR A 447 18.46 13.12 5.01
C THR A 447 18.37 12.69 6.47
N LEU A 448 19.21 13.27 7.32
CA LEU A 448 19.11 13.00 8.76
C LEU A 448 17.79 13.52 9.30
N GLY A 449 17.38 14.72 8.87
CA GLY A 449 16.18 15.33 9.42
C GLY A 449 14.93 14.53 9.12
N VAL A 450 14.79 14.05 7.88
CA VAL A 450 13.63 13.24 7.55
C VAL A 450 13.69 11.90 8.27
N ALA A 451 14.89 11.34 8.44
CA ALA A 451 15.04 10.07 9.14
C ALA A 451 14.78 10.22 10.63
N VAL A 452 15.29 11.29 11.24
CA VAL A 452 15.09 11.50 12.67
C VAL A 452 13.62 11.74 12.97
N ALA A 453 12.92 12.47 12.08
CA ALA A 453 11.51 12.75 12.31
C ALA A 453 10.68 11.47 12.35
N GLY A 454 10.97 10.53 11.44
CA GLY A 454 10.24 9.27 11.45
C GLY A 454 10.52 8.45 12.69
N PHE A 455 11.76 8.47 13.18
CA PHE A 455 12.11 7.74 14.39
C PHE A 455 11.33 8.27 15.59
N LEU A 456 11.26 9.60 15.72
CA LEU A 456 10.57 10.19 16.87
C LEU A 456 9.06 10.03 16.77
N LEU A 457 8.49 10.18 15.58
CA LEU A 457 7.04 10.11 15.42
C LEU A 457 6.52 8.67 15.46
N GLY A 458 7.38 7.67 15.27
CA GLY A 458 7.00 6.29 15.36
C GLY A 458 7.08 5.70 16.75
N ILE A 459 7.50 6.49 17.75
CA ILE A 459 7.58 5.98 19.12
C ILE A 459 6.23 5.51 19.66
N PRO A 460 5.15 6.31 19.60
CA PRO A 460 3.88 5.84 20.20
C PRO A 460 3.29 4.62 19.51
N LEU A 461 3.67 4.33 18.27
CA LEU A 461 3.18 3.12 17.63
C LEU A 461 3.74 1.87 18.30
N THR A 462 4.98 1.94 18.79
CA THR A 462 5.57 0.82 19.51
C THR A 462 5.28 1.00 20.99
N SER A 463 4.13 0.51 21.42
CA SER A 463 3.69 0.63 22.81
C SER A 463 2.63 -0.44 23.08
N GLN A 464 2.04 -0.37 24.28
CA GLN A 464 1.00 -1.33 24.65
C GLN A 464 -0.31 -1.11 23.89
N ALA A 465 -0.44 -0.01 23.17
CA ALA A 465 -1.59 0.25 22.32
C ALA A 465 -1.17 0.35 20.86
N GLY A 466 -0.22 -0.49 20.46
CA GLY A 466 0.34 -0.43 19.13
C GLY A 466 -0.58 -0.89 18.01
N ILE A 467 -1.30 -2.00 18.25
CA ILE A 467 -2.16 -2.55 17.21
C ILE A 467 -3.22 -1.56 16.78
N TYR A 468 -3.92 -0.94 17.74
CA TYR A 468 -5.02 -0.06 17.39
C TYR A 468 -4.53 1.19 16.68
N TRP A 469 -3.43 1.79 17.15
CA TRP A 469 -2.92 2.99 16.53
C TRP A 469 -2.41 2.72 15.12
N LEU A 470 -1.68 1.61 14.93
CA LEU A 470 -1.23 1.23 13.59
C LEU A 470 -2.42 0.93 12.69
N LEU A 471 -3.47 0.35 13.26
CA LEU A 471 -4.66 -0.03 12.49
C LEU A 471 -5.53 1.17 12.16
N LEU A 472 -5.50 2.21 12.99
CA LEU A 472 -6.25 3.42 12.69
C LEU A 472 -5.70 4.11 11.45
N MET A 473 -4.37 4.12 11.29
CA MET A 473 -3.72 4.74 10.15
C MET A 473 -3.73 3.87 8.91
N ASP A 474 -4.58 2.86 8.85
CA ASP A 474 -4.75 2.05 7.66
C ASP A 474 -6.13 2.16 7.03
N ASN A 475 -7.11 2.70 7.74
CA ASN A 475 -8.46 2.89 7.20
C ASN A 475 -8.73 4.34 6.79
N TYR A 476 -8.26 5.31 7.58
CA TYR A 476 -8.49 6.72 7.31
C TYR A 476 -7.21 7.43 6.88
N ALA A 477 -6.23 6.69 6.38
CA ALA A 477 -4.99 7.30 5.93
C ALA A 477 -4.61 6.89 4.51
N ALA A 478 -4.88 5.65 4.12
CA ALA A 478 -4.53 5.15 2.79
C ALA A 478 -5.74 4.86 1.92
N SER A 479 -6.90 4.61 2.52
CA SER A 479 -8.10 4.29 1.76
C SER A 479 -8.91 5.55 1.54
N PHE A 480 -9.61 5.62 0.40
CA PHE A 480 -10.50 6.71 0.00
C PHE A 480 -9.77 8.04 -0.17
N SER A 481 -8.45 8.06 -0.13
CA SER A 481 -7.67 9.24 -0.46
C SER A 481 -6.85 9.07 -1.74
N LEU A 482 -6.13 7.96 -1.85
CA LEU A 482 -5.38 7.68 -3.07
C LEU A 482 -6.31 7.56 -4.27
N VAL A 483 -7.44 6.87 -4.10
CA VAL A 483 -8.39 6.71 -5.19
C VAL A 483 -8.96 8.06 -5.63
N VAL A 484 -9.28 8.92 -4.66
CA VAL A 484 -9.83 10.23 -4.98
C VAL A 484 -8.80 11.07 -5.71
N ILE A 485 -7.55 11.07 -5.23
CA ILE A 485 -6.50 11.86 -5.87
C ILE A 485 -6.27 11.36 -7.29
N SER A 486 -6.20 10.04 -7.47
CA SER A 486 -5.97 9.49 -8.80
C SER A 486 -7.12 9.82 -9.75
N CYS A 487 -8.36 9.74 -9.27
CA CYS A 487 -9.50 10.06 -10.12
C CYS A 487 -9.49 11.54 -10.51
N ILE A 488 -9.18 12.43 -9.55
CA ILE A 488 -9.12 13.85 -9.88
C ILE A 488 -8.03 14.12 -10.90
N MET A 489 -6.86 13.49 -10.73
CA MET A 489 -5.78 13.67 -11.70
C MET A 489 -6.20 13.18 -13.08
N CYS A 490 -6.82 12.00 -13.14
CA CYS A 490 -7.22 11.44 -14.43
C CYS A 490 -8.25 12.34 -15.12
N VAL A 491 -9.20 12.87 -14.35
CA VAL A 491 -10.17 13.80 -14.92
C VAL A 491 -9.48 15.06 -15.43
N ALA A 492 -8.54 15.58 -14.65
CA ALA A 492 -7.87 16.83 -15.03
C ALA A 492 -7.03 16.67 -16.29
N ILE A 493 -6.39 15.52 -16.48
CA ILE A 493 -5.53 15.34 -17.64
C ILE A 493 -6.33 15.36 -18.93
N MET A 494 -7.51 14.69 -18.94
CA MET A 494 -8.21 14.43 -20.19
C MET A 494 -9.47 15.27 -20.37
N TYR A 495 -9.80 16.14 -19.41
CA TYR A 495 -10.99 16.96 -19.54
C TYR A 495 -10.71 18.45 -19.51
N ILE A 496 -9.48 18.86 -19.23
CA ILE A 496 -9.11 20.27 -19.27
C ILE A 496 -8.00 20.46 -20.29
N TYR A 497 -6.95 19.63 -20.19
CA TYR A 497 -5.90 19.65 -21.20
C TYR A 497 -6.44 19.22 -22.56
N GLY A 498 -7.28 18.20 -22.58
CA GLY A 498 -7.90 17.74 -23.81
C GLY A 498 -7.68 16.25 -23.98
N HIS A 499 -8.67 15.60 -24.61
CA HIS A 499 -8.60 14.18 -24.91
C HIS A 499 -7.95 13.89 -26.26
N ARG A 500 -8.07 14.80 -27.21
CA ARG A 500 -7.43 14.60 -28.52
C ARG A 500 -5.92 14.78 -28.42
N ASN A 501 -5.47 15.75 -27.63
CA ASN A 501 -4.04 16.03 -27.54
C ASN A 501 -3.26 14.85 -26.98
N TYR A 502 -3.71 14.33 -25.84
CA TYR A 502 -3.01 13.23 -25.18
C TYR A 502 -3.00 11.99 -26.06
N PHE A 503 -4.12 11.72 -26.73
CA PHE A 503 -4.19 10.58 -27.64
C PHE A 503 -3.27 10.77 -28.84
N GLN A 504 -3.17 12.00 -29.37
CA GLN A 504 -2.30 12.26 -30.50
C GLN A 504 -0.83 12.10 -30.11
N ASP A 505 -0.48 12.47 -28.88
CA ASP A 505 0.91 12.43 -28.46
C ASP A 505 1.46 11.01 -28.48
N ILE A 506 0.66 10.03 -28.06
CA ILE A 506 1.15 8.65 -27.96
C ILE A 506 1.60 8.13 -29.32
N GLN A 507 0.99 8.63 -30.41
CA GLN A 507 1.48 8.30 -31.75
C GLN A 507 2.94 8.67 -31.92
N MET A 508 3.34 9.82 -31.38
CA MET A 508 4.73 10.26 -31.53
C MET A 508 5.65 9.48 -30.60
N MET A 509 5.09 8.82 -29.59
CA MET A 509 5.88 7.98 -28.68
C MET A 509 5.85 6.52 -29.12
N LEU A 510 4.66 5.93 -29.21
CA LEU A 510 4.50 4.54 -29.60
C LEU A 510 4.00 4.45 -31.04
N GLY A 511 4.38 3.35 -31.70
CA GLY A 511 4.00 3.17 -33.10
C GLY A 511 2.50 3.04 -33.29
N PHE A 512 1.84 2.24 -32.43
CA PHE A 512 0.41 2.04 -32.62
C PHE A 512 -0.39 2.87 -31.63
N PRO A 513 -1.59 3.31 -32.02
CA PRO A 513 -2.42 4.12 -31.12
C PRO A 513 -2.90 3.32 -29.93
N PRO A 514 -3.29 3.99 -28.85
CA PRO A 514 -3.90 3.28 -27.72
C PRO A 514 -5.11 2.49 -28.18
N PRO A 515 -5.31 1.29 -27.64
CA PRO A 515 -6.43 0.45 -28.10
C PRO A 515 -7.76 1.10 -27.81
N LEU A 516 -8.75 0.74 -28.64
CA LEU A 516 -10.10 1.29 -28.49
C LEU A 516 -10.67 1.00 -27.10
N PHE A 517 -10.26 -0.11 -26.50
CA PHE A 517 -10.66 -0.41 -25.13
C PHE A 517 -10.12 0.64 -24.16
N PHE A 518 -8.87 1.06 -24.34
CA PHE A 518 -8.29 2.06 -23.46
C PHE A 518 -8.96 3.42 -23.61
N GLN A 519 -9.35 3.78 -24.82
CA GLN A 519 -9.98 5.08 -25.04
C GLN A 519 -11.31 5.19 -24.30
N ILE A 520 -12.14 4.15 -24.37
CA ILE A 520 -13.44 4.18 -23.73
C ILE A 520 -13.29 4.13 -22.21
N CYS A 521 -12.39 3.28 -21.73
CA CYS A 521 -12.24 3.09 -20.29
C CYS A 521 -11.75 4.37 -19.61
N TRP A 522 -10.79 5.06 -20.24
CA TRP A 522 -10.28 6.30 -19.66
C TRP A 522 -11.35 7.38 -19.62
N ARG A 523 -12.13 7.51 -20.68
CA ARG A 523 -13.02 8.67 -20.82
C ARG A 523 -14.20 8.59 -19.87
N PHE A 524 -14.97 7.51 -19.94
CA PHE A 524 -16.23 7.41 -19.22
C PHE A 524 -16.20 6.40 -18.08
N VAL A 525 -15.62 5.21 -18.32
CA VAL A 525 -15.85 4.08 -17.42
C VAL A 525 -15.27 4.35 -16.04
N SER A 526 -13.94 4.49 -15.95
CA SER A 526 -13.30 4.56 -14.64
C SER A 526 -13.73 5.78 -13.82
N PRO A 527 -13.78 7.01 -14.36
CA PRO A 527 -14.25 8.12 -13.51
C PRO A 527 -15.67 7.92 -13.01
N ALA A 528 -16.55 7.35 -13.84
CA ALA A 528 -17.92 7.10 -13.41
C ALA A 528 -17.96 6.08 -12.28
N ILE A 529 -17.18 5.01 -12.39
CA ILE A 529 -17.15 3.99 -11.34
C ILE A 529 -16.64 4.59 -10.04
N ILE A 530 -15.56 5.37 -10.11
CA ILE A 530 -15.00 5.96 -8.90
C ILE A 530 -16.00 6.92 -8.27
N PHE A 531 -16.65 7.75 -9.09
CA PHE A 531 -17.63 8.68 -8.57
C PHE A 531 -18.81 7.97 -7.93
N PHE A 532 -19.30 6.91 -8.56
CA PHE A 532 -20.41 6.15 -8.00
C PHE A 532 -20.04 5.54 -6.66
N ILE A 533 -18.85 4.94 -6.57
CA ILE A 533 -18.43 4.34 -5.30
C ILE A 533 -18.32 5.41 -4.23
N LEU A 534 -17.70 6.55 -4.56
CA LEU A 534 -17.49 7.60 -3.57
C LEU A 534 -18.82 8.17 -3.09
N VAL A 535 -19.77 8.40 -4.00
CA VAL A 535 -21.04 8.98 -3.59
C VAL A 535 -21.88 7.97 -2.82
N PHE A 536 -21.77 6.68 -3.17
CA PHE A 536 -22.55 5.67 -2.45
C PHE A 536 -21.99 5.43 -1.05
N THR A 537 -20.68 5.64 -0.85
CA THR A 537 -20.14 5.53 0.51
C THR A 537 -20.57 6.69 1.40
N VAL A 538 -21.17 7.74 0.84
CA VAL A 538 -21.55 8.90 1.61
C VAL A 538 -23.07 9.02 1.77
N ILE A 539 -23.82 8.83 0.67
CA ILE A 539 -25.27 9.01 0.74
C ILE A 539 -25.88 8.00 1.69
N GLN A 540 -25.42 6.75 1.60
CA GLN A 540 -25.82 5.70 2.52
C GLN A 540 -24.56 5.05 3.09
N TYR A 541 -24.77 4.18 4.07
CA TYR A 541 -23.70 3.40 4.70
C TYR A 541 -22.71 4.32 5.43
N GLN A 542 -23.24 5.13 6.32
CA GLN A 542 -22.42 5.76 7.35
C GLN A 542 -23.10 5.68 8.71
N PRO A 543 -23.63 4.52 9.14
CA PRO A 543 -24.19 4.42 10.49
C PRO A 543 -23.14 3.96 11.49
N ILE A 544 -23.55 3.72 12.74
CA ILE A 544 -22.63 3.20 13.74
C ILE A 544 -22.09 1.83 13.34
N THR A 545 -22.87 1.06 12.57
CA THR A 545 -22.39 -0.26 12.15
C THR A 545 -21.30 -0.14 11.09
N TYR A 546 -21.18 1.02 10.45
CA TYR A 546 -20.04 1.25 9.56
C TYR A 546 -18.73 1.23 10.35
N ASN A 547 -18.77 1.55 11.63
CA ASN A 547 -17.60 1.39 12.49
C ASN A 547 -17.40 -0.09 12.76
N HIS A 548 -16.58 -0.74 11.93
CA HIS A 548 -16.33 -2.17 12.06
C HIS A 548 -15.57 -2.50 13.34
N TYR A 549 -14.95 -1.51 13.97
CA TYR A 549 -14.03 -1.72 15.08
C TYR A 549 -14.47 -1.09 16.39
N GLN A 550 -15.56 -0.31 16.39
CA GLN A 550 -16.06 0.36 17.59
C GLN A 550 -15.00 1.27 18.20
N TYR A 551 -14.45 2.14 17.37
CA TYR A 551 -13.48 3.14 17.83
C TYR A 551 -14.21 4.23 18.60
N PRO A 552 -13.56 4.88 19.57
CA PRO A 552 -14.22 5.97 20.28
C PRO A 552 -14.33 7.21 19.39
N GLY A 553 -15.21 8.13 19.81
CA GLY A 553 -15.52 9.28 18.97
C GLY A 553 -14.32 10.16 18.69
N TRP A 554 -13.48 10.40 19.69
CA TRP A 554 -12.34 11.28 19.48
C TRP A 554 -11.29 10.63 18.57
N ALA A 555 -11.10 9.32 18.70
CA ALA A 555 -10.14 8.63 17.83
C ALA A 555 -10.59 8.65 16.38
N VAL A 556 -11.87 8.38 16.13
CA VAL A 556 -12.37 8.45 14.76
C VAL A 556 -12.37 9.88 14.26
N ALA A 557 -12.54 10.86 15.16
CA ALA A 557 -12.41 12.25 14.75
C ALA A 557 -10.99 12.57 14.29
N ILE A 558 -9.99 12.07 15.02
CA ILE A 558 -8.60 12.27 14.62
C ILE A 558 -8.33 11.59 13.28
N GLY A 559 -8.84 10.37 13.11
CA GLY A 559 -8.67 9.68 11.84
C GLY A 559 -9.31 10.41 10.69
N PHE A 560 -10.52 10.94 10.90
CA PHE A 560 -11.19 11.71 9.87
C PHE A 560 -10.44 12.99 9.55
N LEU A 561 -9.88 13.65 10.57
CA LEU A 561 -9.08 14.85 10.33
C LEU A 561 -7.84 14.55 9.51
N MET A 562 -7.15 13.44 9.82
CA MET A 562 -5.98 13.07 9.03
C MET A 562 -6.38 12.68 7.61
N ALA A 563 -7.54 12.05 7.45
CA ALA A 563 -7.99 11.68 6.11
C ALA A 563 -8.22 12.91 5.24
N LEU A 564 -8.82 13.96 5.81
CA LEU A 564 -9.09 15.17 5.04
C LEU A 564 -7.80 15.87 4.61
N SER A 565 -6.78 15.85 5.49
CA SER A 565 -5.57 16.61 5.23
C SER A 565 -4.89 16.19 3.93
N SER A 566 -4.94 14.89 3.61
CA SER A 566 -4.33 14.42 2.37
C SER A 566 -5.07 14.93 1.14
N VAL A 567 -6.40 15.09 1.24
CA VAL A 567 -7.19 15.48 0.07
C VAL A 567 -7.52 16.96 0.07
N LEU A 568 -7.45 17.63 1.22
CA LEU A 568 -7.83 19.04 1.32
C LEU A 568 -6.77 19.98 0.76
N CYS A 569 -5.58 19.48 0.42
CA CYS A 569 -4.54 20.33 -0.14
C CYS A 569 -4.87 20.80 -1.55
N ILE A 570 -5.76 20.11 -2.26
CA ILE A 570 -6.04 20.47 -3.65
C ILE A 570 -6.67 21.86 -3.77
N PRO A 571 -7.74 22.21 -3.05
CA PRO A 571 -8.33 23.54 -3.26
C PRO A 571 -7.51 24.67 -2.66
N LEU A 572 -6.76 24.41 -1.60
CA LEU A 572 -5.99 25.47 -0.96
C LEU A 572 -4.95 26.05 -1.92
N TYR A 573 -4.16 25.17 -2.56
CA TYR A 573 -3.18 25.64 -3.53
C TYR A 573 -3.86 26.25 -4.74
N ALA A 574 -5.05 25.77 -5.10
CA ALA A 574 -5.80 26.36 -6.21
C ALA A 574 -6.12 27.82 -5.91
N MET A 575 -6.65 28.10 -4.71
CA MET A 575 -6.93 29.47 -4.33
C MET A 575 -5.64 30.29 -4.24
N PHE A 576 -4.58 29.69 -3.70
CA PHE A 576 -3.32 30.40 -3.54
C PHE A 576 -2.77 30.86 -4.89
N ARG A 577 -2.85 30.00 -5.91
CA ARG A 577 -2.42 30.38 -7.24
C ARG A 577 -3.42 31.29 -7.94
N LEU A 578 -4.71 31.18 -7.62
CA LEU A 578 -5.68 32.10 -8.18
C LEU A 578 -5.46 33.52 -7.68
N CYS A 579 -4.91 33.67 -6.47
CA CYS A 579 -4.61 35.00 -5.95
C CYS A 579 -3.57 35.71 -6.81
N ARG A 580 -2.54 34.99 -7.26
CA ARG A 580 -1.45 35.62 -8.00
C ARG A 580 -1.90 36.01 -9.40
N THR A 581 -2.82 35.26 -9.99
CA THR A 581 -3.26 35.53 -11.35
C THR A 581 -3.95 36.88 -11.44
N ASP A 582 -3.77 37.55 -12.59
CA ASP A 582 -4.32 38.87 -12.81
C ASP A 582 -5.83 38.86 -12.62
N GLY A 583 -6.33 39.77 -11.78
CA GLY A 583 -7.71 39.73 -11.31
C GLY A 583 -8.74 40.44 -12.17
N ASP A 584 -9.15 39.82 -13.27
CA ASP A 584 -10.15 40.41 -14.15
C ASP A 584 -11.57 40.00 -13.76
N THR A 585 -11.86 38.70 -13.81
CA THR A 585 -13.19 38.19 -13.50
C THR A 585 -13.10 36.68 -13.28
N LEU A 586 -14.17 36.11 -12.72
CA LEU A 586 -14.19 34.67 -12.50
C LEU A 586 -14.58 33.89 -13.74
N LEU A 587 -14.01 34.23 -14.88
CA LEU A 587 -14.00 33.42 -16.09
C LEU A 587 -12.62 33.37 -16.72
N GLN A 588 -11.88 34.48 -16.68
CA GLN A 588 -10.56 34.54 -17.30
C GLN A 588 -9.47 34.06 -16.36
N ARG A 589 -9.66 34.19 -15.04
CA ARG A 589 -8.67 33.70 -14.09
C ARG A 589 -8.51 32.18 -14.21
N LEU A 590 -9.63 31.46 -14.35
CA LEU A 590 -9.56 30.01 -14.46
C LEU A 590 -8.78 29.60 -15.71
N LYS A 591 -9.05 30.25 -16.84
CA LYS A 591 -8.34 29.90 -18.07
C LYS A 591 -6.87 30.33 -17.99
N ASN A 592 -6.59 31.46 -17.35
CA ASN A 592 -5.22 31.94 -17.22
C ASN A 592 -4.40 31.13 -16.23
N ALA A 593 -5.02 30.25 -15.44
CA ALA A 593 -4.31 29.48 -14.44
C ALA A 593 -4.33 27.98 -14.68
N THR A 594 -4.98 27.51 -15.75
CA THR A 594 -5.01 26.09 -16.06
C THR A 594 -4.40 25.73 -17.40
N LYS A 595 -4.00 26.72 -18.21
CA LYS A 595 -3.37 26.44 -19.48
C LYS A 595 -1.97 25.86 -19.28
N PRO A 596 -1.48 25.08 -20.23
CA PRO A 596 -0.13 24.53 -20.10
C PRO A 596 0.93 25.62 -20.07
N SER A 597 2.02 25.34 -19.37
CA SER A 597 3.11 26.29 -19.22
C SER A 597 3.89 26.42 -20.52
N ARG A 598 4.95 27.22 -20.51
CA ARG A 598 5.75 27.46 -21.70
C ARG A 598 6.86 26.43 -21.90
N ASP A 599 6.98 25.45 -21.00
CA ASP A 599 7.99 24.41 -21.09
C ASP A 599 7.36 23.03 -20.99
N TRP A 600 6.15 22.90 -21.53
CA TRP A 600 5.44 21.61 -21.56
C TRP A 600 5.73 20.94 -22.89
N GLY A 601 6.48 19.85 -22.85
CA GLY A 601 6.86 19.13 -24.04
C GLY A 601 7.81 18.00 -23.71
N PRO A 602 8.44 17.44 -24.75
CA PRO A 602 9.45 16.39 -24.52
C PRO A 602 10.59 16.90 -23.66
N ALA A 603 11.13 16.01 -22.83
CA ALA A 603 12.18 16.40 -21.89
C ALA A 603 13.41 16.92 -22.61
N LEU A 604 13.83 16.24 -23.67
CA LEU A 604 15.04 16.60 -24.40
C LEU A 604 14.68 17.23 -25.75
N LEU A 605 15.71 17.68 -26.45
CA LEU A 605 15.53 18.33 -27.75
C LEU A 605 15.43 17.26 -28.84
N GLU A 606 15.27 17.68 -30.10
CA GLU A 606 15.17 16.79 -31.25
C GLU A 606 13.85 16.00 -31.20
N HIS A 607 13.02 16.30 -30.18
CA HIS A 607 11.72 15.66 -30.07
C HIS A 607 10.61 16.72 -30.08
N ARG A 608 10.98 17.98 -29.90
CA ARG A 608 10.03 19.08 -29.98
C ARG A 608 10.16 19.72 -31.36
N THR A 609 9.49 19.13 -32.34
CA THR A 609 9.55 19.60 -33.72
C THR A 609 8.20 20.04 -34.28
N GLY A 610 7.10 19.51 -33.78
CA GLY A 610 5.79 19.86 -34.31
C GLY A 610 5.02 20.82 -33.43
N ARG A 611 3.93 20.34 -32.84
CA ARG A 611 3.11 21.19 -31.98
C ARG A 611 3.87 21.63 -30.74
N TYR A 612 4.67 20.73 -30.17
CA TYR A 612 5.40 21.02 -28.94
C TYR A 612 6.73 21.74 -29.19
N ALA A 613 7.03 22.07 -30.44
CA ALA A 613 8.26 22.80 -30.77
C ALA A 613 8.25 24.19 -30.15
#